data_2MQ5
#
_entry.id   2MQ5
#
_entity_poly.entity_id   1
_entity_poly.type   'polypeptide(L)'
_entity_poly.pdbx_seq_one_letter_code
;LYRRRFVVGR
;
_entity_poly.pdbx_strand_id   A
#
# COMPACT_ATOMS: atom_id res chain seq x y z
N LEU A 1 7.05 6.58 5.28
CA LEU A 1 6.08 6.00 4.37
C LEU A 1 6.58 6.04 2.93
N TYR A 2 5.87 5.36 2.04
CA TYR A 2 6.24 5.32 0.63
C TYR A 2 5.11 5.83 -0.25
N ARG A 3 4.29 4.90 -0.74
CA ARG A 3 3.17 5.25 -1.60
C ARG A 3 2.37 4.01 -2.00
N ARG A 4 2.60 2.91 -1.27
CA ARG A 4 1.91 1.66 -1.54
C ARG A 4 1.12 1.20 -0.32
N ARG A 5 1.15 2.00 0.75
CA ARG A 5 0.44 1.67 1.97
C ARG A 5 -0.94 1.12 1.67
N PHE A 6 -1.56 1.62 0.60
CA PHE A 6 -2.88 1.18 0.21
C PHE A 6 -2.90 -0.33 -0.05
N VAL A 7 -1.91 -0.80 -0.81
CA VAL A 7 -1.80 -2.22 -1.13
C VAL A 7 -3.08 -2.96 -0.75
N VAL A 8 -4.22 -2.37 -1.05
CA VAL A 8 -5.51 -2.96 -0.75
C VAL A 8 -5.67 -4.32 -1.43
N GLY A 9 -4.56 -4.85 -1.94
CA GLY A 9 -4.58 -6.13 -2.62
C GLY A 9 -4.29 -7.29 -1.68
N ARG A 10 -4.75 -7.18 -0.45
CA ARG A 10 -4.54 -8.22 0.55
C ARG A 10 -5.78 -9.10 0.70
N LEU A 1 7.31 6.22 5.33
CA LEU A 1 6.31 5.67 4.42
C LEU A 1 6.72 5.87 2.97
N TYR A 2 6.00 5.24 2.06
CA TYR A 2 6.29 5.34 0.63
C TYR A 2 5.08 5.86 -0.14
N ARG A 3 4.29 4.94 -0.67
CA ARG A 3 3.10 5.30 -1.43
C ARG A 3 2.35 4.04 -1.89
N ARG A 4 2.66 2.92 -1.27
CA ARG A 4 2.01 1.65 -1.62
C ARG A 4 1.30 1.05 -0.41
N ARG A 5 1.37 1.75 0.71
CA ARG A 5 0.73 1.29 1.95
C ARG A 5 -0.64 0.70 1.66
N PHE A 6 -1.33 1.27 0.68
CA PHE A 6 -2.66 0.80 0.31
C PHE A 6 -2.62 -0.68 -0.09
N VAL A 7 -1.66 -1.03 -0.94
CA VAL A 7 -1.52 -2.40 -1.39
C VAL A 7 -2.74 -3.24 -1.02
N VAL A 8 -3.92 -2.66 -1.20
CA VAL A 8 -5.16 -3.36 -0.90
C VAL A 8 -5.30 -4.64 -1.70
N GLY A 9 -4.19 -5.08 -2.30
CA GLY A 9 -4.21 -6.29 -3.10
C GLY A 9 -3.61 -7.48 -2.36
N ARG A 10 -3.91 -7.58 -1.07
CA ARG A 10 -3.39 -8.67 -0.25
C ARG A 10 -4.38 -9.83 -0.20
N LEU A 1 7.50 6.13 5.16
CA LEU A 1 6.45 5.60 4.29
C LEU A 1 6.77 5.86 2.83
N TYR A 2 6.00 5.26 1.93
CA TYR A 2 6.20 5.43 0.50
C TYR A 2 4.94 5.96 -0.17
N ARG A 3 4.12 5.05 -0.69
CA ARG A 3 2.89 5.43 -1.36
C ARG A 3 2.13 4.20 -1.83
N ARG A 4 2.49 3.04 -1.29
CA ARG A 4 1.84 1.78 -1.64
C ARG A 4 1.23 1.11 -0.42
N ARG A 5 1.35 1.77 0.73
CA ARG A 5 0.82 1.24 1.98
C ARG A 5 -0.56 0.63 1.76
N PHE A 6 -1.33 1.22 0.86
CA PHE A 6 -2.68 0.74 0.54
C PHE A 6 -2.63 -0.72 0.09
N VAL A 7 -1.72 -1.02 -0.84
CA VAL A 7 -1.58 -2.37 -1.36
C VAL A 7 -2.75 -3.25 -0.94
N VAL A 8 -3.96 -2.70 -1.02
CA VAL A 8 -5.16 -3.43 -0.65
C VAL A 8 -5.32 -4.68 -1.51
N GLY A 9 -4.25 -5.06 -2.20
CA GLY A 9 -4.29 -6.24 -3.04
C GLY A 9 -3.62 -7.44 -2.40
N ARG A 10 -3.82 -7.60 -1.09
CA ARG A 10 -3.23 -8.71 -0.35
C ARG A 10 -4.19 -9.90 -0.29
N LEU A 1 6.76 6.59 5.58
CA LEU A 1 5.82 5.99 4.64
C LEU A 1 6.37 6.06 3.22
N TYR A 2 5.69 5.39 2.29
CA TYR A 2 6.10 5.37 0.90
C TYR A 2 4.99 5.86 -0.02
N ARG A 3 4.21 4.92 -0.55
CA ARG A 3 3.10 5.26 -1.43
C ARG A 3 2.34 4.01 -1.85
N ARG A 4 2.55 2.92 -1.12
CA ARG A 4 1.88 1.66 -1.42
C ARG A 4 1.06 1.18 -0.22
N ARG A 5 1.05 1.97 0.85
CA ARG A 5 0.31 1.64 2.05
C ARG A 5 -1.05 1.06 1.70
N PHE A 6 -1.66 1.55 0.62
CA PHE A 6 -2.96 1.08 0.18
C PHE A 6 -2.94 -0.41 -0.09
N VAL A 7 -1.92 -0.86 -0.82
CA VAL A 7 -1.78 -2.28 -1.15
C VAL A 7 -3.05 -3.04 -0.81
N VAL A 8 -4.20 -2.47 -1.14
CA VAL A 8 -5.48 -3.09 -0.87
C VAL A 8 -5.60 -4.44 -1.57
N GLY A 9 -4.46 -4.94 -2.04
CA GLY A 9 -4.45 -6.22 -2.74
C GLY A 9 -4.17 -7.38 -1.80
N ARG A 10 -4.67 -7.29 -0.57
CA ARG A 10 -4.47 -8.33 0.42
C ARG A 10 -5.70 -9.23 0.53
N LEU A 1 6.60 6.64 5.49
CA LEU A 1 5.94 5.67 4.61
C LEU A 1 6.44 5.80 3.18
N TYR A 2 5.74 5.16 2.25
CA TYR A 2 6.12 5.20 0.84
C TYR A 2 4.97 5.75 -0.01
N ARG A 3 4.16 4.84 -0.54
CA ARG A 3 3.03 5.23 -1.38
C ARG A 3 2.23 4.01 -1.83
N ARG A 4 2.46 2.89 -1.16
CA ARG A 4 1.77 1.65 -1.49
C ARG A 4 0.99 1.12 -0.29
N ARG A 5 1.05 1.86 0.81
CA ARG A 5 0.36 1.46 2.04
C ARG A 5 -1.03 0.91 1.72
N PHE A 6 -1.66 1.48 0.70
CA PHE A 6 -3.00 1.04 0.30
C PHE A 6 -3.01 -0.45 -0.05
N VAL A 7 -2.03 -0.87 -0.84
CA VAL A 7 -1.92 -2.27 -1.25
C VAL A 7 -3.18 -3.04 -0.89
N VAL A 8 -4.34 -2.43 -1.14
CA VAL A 8 -5.61 -3.07 -0.84
C VAL A 8 -5.77 -4.37 -1.60
N GLY A 9 -4.67 -4.86 -2.15
CA GLY A 9 -4.70 -6.11 -2.90
C GLY A 9 -4.39 -7.31 -2.04
N ARG A 10 -4.83 -7.28 -0.78
CA ARG A 10 -4.59 -8.37 0.14
C ARG A 10 -5.84 -9.25 0.27
N LEU A 1 6.49 6.93 5.14
CA LEU A 1 5.84 5.93 4.30
C LEU A 1 6.31 6.02 2.86
N TYR A 2 5.61 5.35 1.96
CA TYR A 2 5.97 5.36 0.55
C TYR A 2 4.82 5.88 -0.31
N ARG A 3 4.01 4.96 -0.83
CA ARG A 3 2.88 5.32 -1.65
C ARG A 3 2.08 4.08 -2.07
N ARG A 4 2.33 2.97 -1.38
CA ARG A 4 1.65 1.72 -1.68
C ARG A 4 0.89 1.21 -0.45
N ARG A 5 0.93 1.99 0.62
CA ARG A 5 0.25 1.62 1.86
C ARG A 5 -1.13 1.02 1.57
N PHE A 6 -1.78 1.54 0.53
CA PHE A 6 -3.10 1.06 0.14
C PHE A 6 -3.07 -0.44 -0.15
N VAL A 7 -2.09 -0.86 -0.94
CA VAL A 7 -1.95 -2.27 -1.30
C VAL A 7 -3.18 -3.07 -0.91
N VAL A 8 -4.35 -2.49 -1.17
CA VAL A 8 -5.62 -3.14 -0.84
C VAL A 8 -5.74 -4.48 -1.57
N GLY A 9 -4.62 -4.96 -2.10
CA GLY A 9 -4.63 -6.23 -2.82
C GLY A 9 -4.29 -7.40 -1.92
N ARG A 10 -4.73 -7.33 -0.66
CA ARG A 10 -4.46 -8.39 0.30
C ARG A 10 -5.68 -9.30 0.45
N LEU A 1 7.27 6.03 5.44
CA LEU A 1 6.27 5.50 4.53
C LEU A 1 6.68 5.73 3.07
N TYR A 2 5.94 5.12 2.15
CA TYR A 2 6.23 5.27 0.73
C TYR A 2 5.02 5.81 -0.03
N ARG A 3 4.22 4.91 -0.59
CA ARG A 3 3.04 5.30 -1.33
C ARG A 3 2.27 4.08 -1.82
N ARG A 4 2.57 2.93 -1.23
CA ARG A 4 1.91 1.67 -1.60
C ARG A 4 1.23 1.04 -0.40
N ARG A 5 1.28 1.73 0.74
CA ARG A 5 0.66 1.24 1.96
C ARG A 5 -0.70 0.63 1.67
N PHE A 6 -1.41 1.20 0.71
CA PHE A 6 -2.73 0.71 0.33
C PHE A 6 -2.66 -0.76 -0.09
N VAL A 7 -1.70 -1.08 -0.95
CA VAL A 7 -1.52 -2.45 -1.42
C VAL A 7 -2.73 -3.31 -1.06
N VAL A 8 -3.92 -2.76 -1.23
CA VAL A 8 -5.16 -3.48 -0.93
C VAL A 8 -5.27 -4.76 -1.75
N GLY A 9 -4.15 -5.16 -2.36
CA GLY A 9 -4.15 -6.36 -3.17
C GLY A 9 -3.52 -7.55 -2.46
N ARG A 10 -3.81 -7.68 -1.16
CA ARG A 10 -3.27 -8.77 -0.37
C ARG A 10 -4.23 -9.95 -0.33
N LEU A 1 6.88 6.46 5.60
CA LEU A 1 5.88 5.96 4.66
C LEU A 1 6.41 6.01 3.23
N TYR A 2 5.72 5.34 2.31
CA TYR A 2 6.12 5.32 0.92
C TYR A 2 4.99 5.83 0.01
N ARG A 3 4.20 4.91 -0.51
CA ARG A 3 3.09 5.27 -1.39
C ARG A 3 2.32 4.02 -1.83
N ARG A 4 2.53 2.92 -1.11
CA ARG A 4 1.86 1.67 -1.42
C ARG A 4 1.04 1.18 -0.23
N ARG A 5 1.03 1.96 0.84
CA ARG A 5 0.29 1.61 2.04
C ARG A 5 -1.08 1.03 1.69
N PHE A 6 -1.67 1.54 0.62
CA PHE A 6 -2.98 1.06 0.17
C PHE A 6 -2.95 -0.43 -0.11
N VAL A 7 -1.93 -0.88 -0.84
CA VAL A 7 -1.78 -2.29 -1.17
C VAL A 7 -3.05 -3.07 -0.84
N VAL A 8 -4.20 -2.48 -1.16
CA VAL A 8 -5.48 -3.12 -0.90
C VAL A 8 -5.58 -4.47 -1.61
N GLY A 9 -4.45 -4.97 -2.08
CA GLY A 9 -4.43 -6.24 -2.77
C GLY A 9 -4.14 -7.41 -1.84
N ARG A 10 -4.64 -7.31 -0.62
CA ARG A 10 -4.44 -8.36 0.38
C ARG A 10 -5.66 -9.26 0.48
N LEU A 1 7.38 6.14 5.43
CA LEU A 1 6.36 5.63 4.53
C LEU A 1 6.70 5.93 3.08
N TYR A 2 5.94 5.35 2.16
CA TYR A 2 6.16 5.54 0.73
C TYR A 2 4.91 6.09 0.05
N ARG A 3 4.11 5.19 -0.50
CA ARG A 3 2.88 5.57 -1.19
C ARG A 3 2.14 4.34 -1.70
N ARG A 4 2.49 3.17 -1.17
CA ARG A 4 1.86 1.92 -1.58
C ARG A 4 1.22 1.22 -0.37
N ARG A 5 1.33 1.86 0.79
CA ARG A 5 0.76 1.30 2.01
C ARG A 5 -0.62 0.70 1.75
N PHE A 6 -1.36 1.31 0.84
CA PHE A 6 -2.71 0.84 0.50
C PHE A 6 -2.66 -0.60 0.00
N VAL A 7 -1.72 -0.87 -0.91
CA VAL A 7 -1.58 -2.22 -1.47
C VAL A 7 -2.76 -3.09 -1.10
N VAL A 8 -3.96 -2.54 -1.19
CA VAL A 8 -5.18 -3.28 -0.87
C VAL A 8 -5.32 -4.50 -1.76
N GLY A 9 -4.24 -4.87 -2.43
CA GLY A 9 -4.27 -6.04 -3.31
C GLY A 9 -3.62 -7.25 -2.69
N ARG A 10 -3.85 -7.45 -1.38
CA ARG A 10 -3.28 -8.58 -0.67
C ARG A 10 -4.24 -9.76 -0.66
N LEU A 1 7.08 6.46 5.44
CA LEU A 1 6.10 5.90 4.52
C LEU A 1 6.53 6.13 3.07
N TYR A 2 5.83 5.50 2.15
CA TYR A 2 6.13 5.64 0.73
C TYR A 2 4.92 6.15 -0.05
N ARG A 3 4.15 5.22 -0.61
CA ARG A 3 2.96 5.56 -1.38
C ARG A 3 2.24 4.31 -1.86
N ARG A 4 2.58 3.17 -1.26
CA ARG A 4 1.95 1.90 -1.63
C ARG A 4 1.27 1.27 -0.44
N ARG A 5 1.30 1.95 0.70
CA ARG A 5 0.68 1.45 1.92
C ARG A 5 -0.67 0.81 1.61
N PHE A 6 -1.38 1.38 0.65
CA PHE A 6 -2.69 0.86 0.26
C PHE A 6 -2.59 -0.60 -0.16
N VAL A 7 -1.61 -0.91 -1.00
CA VAL A 7 -1.42 -2.28 -1.47
C VAL A 7 -2.61 -3.16 -1.12
N VAL A 8 -3.82 -2.63 -1.30
CA VAL A 8 -5.03 -3.37 -1.00
C VAL A 8 -5.11 -4.65 -1.83
N GLY A 9 -3.99 -5.04 -2.42
CA GLY A 9 -3.96 -6.25 -3.24
C GLY A 9 -3.34 -7.42 -2.50
N ARG A 10 -3.66 -7.54 -1.22
CA ARG A 10 -3.12 -8.64 -0.40
C ARG A 10 -4.10 -9.81 -0.36
N LEU A 1 6.95 6.71 5.58
CA LEU A 1 6.00 6.09 4.66
C LEU A 1 6.54 6.06 3.24
N TYR A 2 5.85 5.33 2.36
CA TYR A 2 6.26 5.21 0.97
C TYR A 2 5.14 5.66 0.04
N ARG A 3 4.36 4.70 -0.44
CA ARG A 3 3.26 4.99 -1.35
C ARG A 3 2.55 3.70 -1.76
N ARG A 4 2.70 2.66 -0.95
CA ARG A 4 2.07 1.37 -1.24
C ARG A 4 1.16 0.94 -0.08
N ARG A 5 1.14 1.75 0.99
CA ARG A 5 0.33 1.45 2.15
C ARG A 5 -1.05 0.94 1.74
N PHE A 6 -1.56 1.47 0.63
CA PHE A 6 -2.87 1.07 0.12
C PHE A 6 -2.92 -0.43 -0.16
N VAL A 7 -1.88 -0.93 -0.82
CA VAL A 7 -1.81 -2.36 -1.15
C VAL A 7 -3.14 -3.05 -0.87
N VAL A 8 -4.23 -2.40 -1.26
CA VAL A 8 -5.57 -2.96 -1.06
C VAL A 8 -5.71 -4.30 -1.77
N GLY A 9 -4.59 -4.88 -2.18
CA GLY A 9 -4.61 -6.15 -2.88
C GLY A 9 -4.44 -7.33 -1.93
N ARG A 10 -4.99 -7.20 -0.73
CA ARG A 10 -4.90 -8.25 0.27
C ARG A 10 -6.18 -9.07 0.32
N LEU A 1 7.39 6.64 4.97
CA LEU A 1 6.81 5.60 4.15
C LEU A 1 7.03 5.87 2.67
N TYR A 2 6.29 5.17 1.81
CA TYR A 2 6.41 5.34 0.37
C TYR A 2 5.07 5.73 -0.24
N ARG A 3 4.36 4.75 -0.78
CA ARG A 3 3.07 4.98 -1.40
C ARG A 3 2.42 3.68 -1.85
N ARG A 4 2.76 2.59 -1.15
CA ARG A 4 2.21 1.29 -1.47
C ARG A 4 1.46 0.69 -0.29
N ARG A 5 1.57 1.35 0.87
CA ARG A 5 0.91 0.89 2.07
C ARG A 5 -0.51 0.42 1.77
N PHE A 6 -1.15 1.04 0.79
CA PHE A 6 -2.51 0.68 0.40
C PHE A 6 -2.56 -0.76 -0.08
N VAL A 7 -1.62 -1.14 -0.94
CA VAL A 7 -1.57 -2.49 -1.47
C VAL A 7 -2.84 -3.27 -1.14
N VAL A 8 -3.99 -2.60 -1.29
CA VAL A 8 -5.27 -3.23 -1.00
C VAL A 8 -5.49 -4.45 -1.88
N GLY A 9 -4.42 -4.93 -2.52
CA GLY A 9 -4.51 -6.10 -3.37
C GLY A 9 -3.99 -7.35 -2.70
N ARG A 10 -4.29 -7.50 -1.42
CA ARG A 10 -3.85 -8.67 -0.67
C ARG A 10 -4.91 -9.76 -0.67
N LEU A 1 6.98 7.14 5.35
CA LEU A 1 6.32 6.10 4.57
C LEU A 1 6.79 6.13 3.12
N TYR A 2 6.08 5.40 2.27
CA TYR A 2 6.43 5.34 0.85
C TYR A 2 5.27 5.80 -0.01
N ARG A 3 4.46 4.84 -0.47
CA ARG A 3 3.32 5.15 -1.31
C ARG A 3 2.61 3.87 -1.74
N ARG A 4 2.80 2.80 -0.98
CA ARG A 4 2.18 1.52 -1.29
C ARG A 4 1.32 1.04 -0.13
N ARG A 5 1.35 1.78 0.98
CA ARG A 5 0.58 1.43 2.16
C ARG A 5 -0.81 0.95 1.78
N PHE A 6 -1.36 1.52 0.72
CA PHE A 6 -2.69 1.16 0.24
C PHE A 6 -2.77 -0.32 -0.11
N VAL A 7 -1.77 -0.79 -0.86
CA VAL A 7 -1.72 -2.19 -1.26
C VAL A 7 -3.04 -2.89 -0.98
N VAL A 8 -4.14 -2.22 -1.27
CA VAL A 8 -5.46 -2.79 -1.05
C VAL A 8 -5.65 -4.09 -1.82
N GLY A 9 -4.54 -4.63 -2.32
CA GLY A 9 -4.60 -5.87 -3.08
C GLY A 9 -4.40 -7.10 -2.21
N ARG A 10 -4.90 -7.04 -0.98
CA ARG A 10 -4.76 -8.14 -0.04
C ARG A 10 -6.05 -8.97 0.01
N LEU A 1 6.54 6.91 5.91
CA LEU A 1 5.68 6.26 4.93
C LEU A 1 6.35 6.23 3.56
N TYR A 2 5.75 5.49 2.63
CA TYR A 2 6.29 5.37 1.28
C TYR A 2 5.26 5.81 0.24
N ARG A 3 4.52 4.85 -0.29
CA ARG A 3 3.50 5.14 -1.30
C ARG A 3 2.75 3.86 -1.69
N ARG A 4 2.93 2.81 -0.90
CA ARG A 4 2.27 1.53 -1.17
C ARG A 4 1.33 1.16 -0.03
N ARG A 5 1.23 2.02 0.97
CA ARG A 5 0.37 1.77 2.12
C ARG A 5 -0.96 1.19 1.68
N PHE A 6 -1.44 1.63 0.51
CA PHE A 6 -2.71 1.15 -0.02
C PHE A 6 -2.69 -0.36 -0.19
N VAL A 7 -1.62 -0.88 -0.78
CA VAL A 7 -1.48 -2.32 -0.99
C VAL A 7 -2.79 -3.04 -0.72
N VAL A 8 -3.89 -2.46 -1.21
CA VAL A 8 -5.21 -3.05 -1.03
C VAL A 8 -5.28 -4.44 -1.65
N GLY A 9 -4.11 -5.00 -1.97
CA GLY A 9 -4.06 -6.32 -2.57
C GLY A 9 -3.89 -7.41 -1.53
N ARG A 10 -4.51 -7.23 -0.37
CA ARG A 10 -4.43 -8.21 0.71
C ARG A 10 -5.69 -9.04 0.79
N LEU A 1 7.09 6.26 5.76
CA LEU A 1 6.15 5.67 4.82
C LEU A 1 6.71 5.67 3.41
N TYR A 2 6.03 4.99 2.50
CA TYR A 2 6.46 4.92 1.11
C TYR A 2 5.37 5.42 0.17
N ARG A 3 4.59 4.48 -0.37
CA ARG A 3 3.51 4.83 -1.28
C ARG A 3 2.74 3.58 -1.71
N ARG A 4 2.88 2.51 -0.94
CA ARG A 4 2.21 1.25 -1.24
C ARG A 4 1.29 0.84 -0.09
N ARG A 5 1.26 1.65 0.96
CA ARG A 5 0.42 1.37 2.12
C ARG A 5 -0.95 0.86 1.68
N PHE A 6 -1.44 1.38 0.57
CA PHE A 6 -2.75 0.98 0.05
C PHE A 6 -2.79 -0.52 -0.21
N VAL A 7 -1.75 -1.04 -0.86
CA VAL A 7 -1.67 -2.47 -1.16
C VAL A 7 -3.01 -3.16 -0.89
N VAL A 8 -4.10 -2.52 -1.31
CA VAL A 8 -5.43 -3.07 -1.12
C VAL A 8 -5.57 -4.42 -1.80
N GLY A 9 -4.44 -5.00 -2.19
CA GLY A 9 -4.45 -6.29 -2.87
C GLY A 9 -4.30 -7.44 -1.90
N ARG A 10 -4.87 -7.29 -0.71
CA ARG A 10 -4.80 -8.34 0.31
C ARG A 10 -6.09 -9.16 0.35
N LEU A 1 6.88 6.42 5.90
CA LEU A 1 5.96 5.82 4.95
C LEU A 1 6.54 5.81 3.54
N TYR A 2 5.88 5.11 2.64
CA TYR A 2 6.34 5.02 1.25
C TYR A 2 5.25 5.50 0.29
N ARG A 3 4.49 4.55 -0.26
CA ARG A 3 3.43 4.88 -1.19
C ARG A 3 2.67 3.62 -1.62
N ARG A 4 2.81 2.57 -0.82
CA ARG A 4 2.15 1.30 -1.11
C ARG A 4 1.21 0.89 0.02
N ARG A 5 1.16 1.72 1.06
CA ARG A 5 0.30 1.45 2.21
C ARG A 5 -1.06 0.93 1.76
N PHE A 6 -1.54 1.43 0.63
CA PHE A 6 -2.83 1.02 0.09
C PHE A 6 -2.86 -0.49 -0.14
N VAL A 7 -1.82 -1.01 -0.77
CA VAL A 7 -1.73 -2.45 -1.05
C VAL A 7 -3.06 -3.14 -0.80
N VAL A 8 -4.14 -2.50 -1.24
CA VAL A 8 -5.48 -3.06 -1.06
C VAL A 8 -5.60 -4.42 -1.74
N GLY A 9 -4.46 -5.00 -2.11
CA GLY A 9 -4.46 -6.30 -2.76
C GLY A 9 -4.32 -7.43 -1.77
N ARG A 10 -4.91 -7.28 -0.59
CA ARG A 10 -4.84 -8.30 0.44
C ARG A 10 -6.12 -9.14 0.46
N LEU A 1 6.86 4.94 5.55
CA LEU A 1 5.95 4.57 4.47
C LEU A 1 6.57 4.84 3.11
N TYR A 2 5.91 4.38 2.05
CA TYR A 2 6.41 4.57 0.70
C TYR A 2 5.37 5.29 -0.17
N ARG A 3 4.63 4.52 -0.95
CA ARG A 3 3.60 5.08 -1.82
C ARG A 3 2.59 4.02 -2.23
N ARG A 4 2.73 2.82 -1.66
CA ARG A 4 1.83 1.72 -1.96
C ARG A 4 1.12 1.23 -0.70
N ARG A 5 1.10 2.08 0.32
CA ARG A 5 0.45 1.74 1.58
C ARG A 5 -0.87 1.01 1.34
N PHE A 6 -1.57 1.41 0.29
CA PHE A 6 -2.85 0.80 -0.06
C PHE A 6 -2.70 -0.71 -0.26
N VAL A 7 -1.67 -1.10 -1.01
CA VAL A 7 -1.41 -2.51 -1.28
C VAL A 7 -2.59 -3.37 -0.84
N VAL A 8 -3.80 -2.92 -1.14
CA VAL A 8 -5.00 -3.66 -0.79
C VAL A 8 -5.01 -5.04 -1.42
N GLY A 9 -3.85 -5.46 -1.92
CA GLY A 9 -3.76 -6.77 -2.55
C GLY A 9 -3.13 -7.80 -1.64
N ARG A 10 -3.48 -7.75 -0.37
CA ARG A 10 -2.94 -8.69 0.62
C ARG A 10 -3.86 -9.90 0.78
N LEU A 1 6.68 5.60 5.69
CA LEU A 1 6.14 4.70 4.69
C LEU A 1 6.77 4.95 3.33
N TYR A 2 6.17 4.39 2.28
CA TYR A 2 6.68 4.55 0.93
C TYR A 2 5.61 5.15 0.01
N ARG A 3 4.94 4.29 -0.75
CA ARG A 3 3.90 4.73 -1.67
C ARG A 3 3.00 3.56 -2.07
N ARG A 4 3.22 2.41 -1.44
CA ARG A 4 2.43 1.22 -1.73
C ARG A 4 1.60 0.80 -0.53
N ARG A 5 1.61 1.63 0.51
CA ARG A 5 0.86 1.36 1.72
C ARG A 5 -0.52 0.78 1.39
N PHE A 6 -1.11 1.26 0.30
CA PHE A 6 -2.42 0.79 -0.13
C PHE A 6 -2.42 -0.73 -0.35
N VAL A 7 -1.41 -1.21 -1.06
CA VAL A 7 -1.28 -2.63 -1.34
C VAL A 7 -2.56 -3.38 -0.97
N VAL A 8 -3.71 -2.80 -1.32
CA VAL A 8 -4.99 -3.41 -1.01
C VAL A 8 -5.11 -4.78 -1.67
N GLY A 9 -3.98 -5.32 -2.12
CA GLY A 9 -4.00 -6.63 -2.76
C GLY A 9 -3.52 -7.72 -1.84
N ARG A 10 -3.94 -7.66 -0.58
CA ARG A 10 -3.55 -8.67 0.41
C ARG A 10 -4.62 -9.75 0.53
N LEU A 1 5.80 7.82 4.98
CA LEU A 1 5.22 6.76 4.16
C LEU A 1 5.86 6.73 2.78
N TYR A 2 5.30 5.90 1.90
CA TYR A 2 5.82 5.77 0.54
C TYR A 2 4.73 6.03 -0.50
N ARG A 3 4.00 4.98 -0.85
CA ARG A 3 2.92 5.09 -1.83
C ARG A 3 2.30 3.73 -2.11
N ARG A 4 2.64 2.75 -1.29
CA ARG A 4 2.12 1.39 -1.45
C ARG A 4 1.24 1.01 -0.26
N ARG A 5 1.22 1.86 0.76
CA ARG A 5 0.43 1.61 1.96
C ARG A 5 -0.95 1.07 1.59
N PHE A 6 -1.47 1.52 0.45
CA PHE A 6 -2.79 1.08 -0.02
C PHE A 6 -2.81 -0.43 -0.24
N VAL A 7 -1.78 -0.93 -0.93
CA VAL A 7 -1.69 -2.36 -1.21
C VAL A 7 -2.99 -3.07 -0.89
N VAL A 8 -4.10 -2.46 -1.27
CA VAL A 8 -5.42 -3.04 -1.03
C VAL A 8 -5.56 -4.40 -1.70
N GLY A 9 -4.43 -4.96 -2.12
CA GLY A 9 -4.43 -6.26 -2.77
C GLY A 9 -4.22 -7.40 -1.79
N ARG A 10 -4.76 -7.24 -0.59
CA ARG A 10 -4.62 -8.27 0.44
C ARG A 10 -5.89 -9.12 0.53
N LEU A 1 6.12 8.34 4.56
CA LEU A 1 5.76 7.11 3.88
C LEU A 1 6.06 7.22 2.38
N TYR A 2 5.60 6.23 1.62
CA TYR A 2 5.82 6.21 0.18
C TYR A 2 4.49 6.18 -0.57
N ARG A 3 3.95 4.98 -0.74
CA ARG A 3 2.67 4.81 -1.44
C ARG A 3 2.24 3.35 -1.42
N ARG A 4 2.73 2.60 -0.43
CA ARG A 4 2.39 1.19 -0.31
C ARG A 4 1.74 0.90 1.04
N ARG A 5 0.85 1.80 1.46
CA ARG A 5 0.16 1.64 2.74
C ARG A 5 -1.35 1.61 2.54
N PHE A 6 -1.79 0.99 1.45
CA PHE A 6 -3.20 0.88 1.13
C PHE A 6 -3.63 -0.58 1.03
N VAL A 7 -4.34 -0.90 -0.05
CA VAL A 7 -4.82 -2.27 -0.27
C VAL A 7 -3.64 -3.23 -0.46
N VAL A 8 -2.43 -2.68 -0.47
CA VAL A 8 -1.24 -3.49 -0.64
C VAL A 8 -1.13 -4.55 0.46
N GLY A 9 -2.24 -4.79 1.15
CA GLY A 9 -2.24 -5.77 2.22
C GLY A 9 -2.68 -7.14 1.74
N ARG A 10 -2.31 -7.48 0.51
CA ARG A 10 -2.67 -8.77 -0.07
C ARG A 10 -1.47 -9.71 -0.09
#